data_7Z2V
#
_entry.id   7Z2V
#
_cell.length_a   79.960
_cell.length_b   79.960
_cell.length_c   227.940
_cell.angle_alpha   90.000
_cell.angle_beta   90.000
_cell.angle_gamma   90.000
#
_symmetry.space_group_name_H-M   'P 43 21 2'
#
loop_
_entity.id
_entity.type
_entity.pdbx_description
1 polymer 'Ferulic acid esterase'
2 non-polymer 'CALCIUM ION'
3 non-polymer 'ACETATE ION'
4 water water
#
_entity_poly.entity_id   1
_entity_poly.type   'polypeptide(L)'
_entity_poly.pdbx_seq_one_letter_code
;MHHHHHHSSGVDLGTENLYFQSMIKFVTTEINGLTLRGTAHVPDGEPGQQFPTVLMFHGFGAVRDEGFRLFIQMSNRLME
NGIAAVRFDFGCHGESDGEFEDFTFSQELNEGSALIDAVKSMSFVDSTKFSLLGEALGSVAASIVAGKRSTELTSLCMWS
PAASFLDEILNDHTLQGKTVDNVEKDGYFDFYGLKLGKAFFDDLKNINIFDNAKKYQGPVKIVYGTNDFIPEKYSHKYMD
GYENGELVIVQDGDHGWQSVPSRKRILDETMKFFRKTLLEAK
;
_entity_poly.pdbx_strand_id   A,B
#
loop_
_chem_comp.id
_chem_comp.type
_chem_comp.name
_chem_comp.formula
ACT non-polymer 'ACETATE ION' 'C2 H3 O2 -1'
CA non-polymer 'CALCIUM ION' 'Ca 2'
#
# COMPACT_ATOMS: atom_id res chain seq x y z
N TYR A 19 -32.67 1.73 5.40
CA TYR A 19 -31.76 1.48 4.29
C TYR A 19 -30.38 2.07 4.57
N PHE A 20 -29.35 1.48 3.96
CA PHE A 20 -27.97 1.89 4.19
C PHE A 20 -27.26 2.05 2.85
N GLN A 21 -26.52 3.15 2.70
CA GLN A 21 -25.66 3.32 1.55
C GLN A 21 -24.38 2.49 1.72
N SER A 22 -23.64 2.34 0.63
CA SER A 22 -22.43 1.54 0.65
C SER A 22 -21.42 2.14 1.62
N MET A 23 -20.55 1.28 2.15
CA MET A 23 -19.60 1.76 3.13
C MET A 23 -18.29 0.99 3.02
N ILE A 24 -17.22 1.65 3.44
CA ILE A 24 -15.91 1.04 3.54
C ILE A 24 -15.61 0.92 5.03
N LYS A 25 -15.37 -0.30 5.49
CA LYS A 25 -15.05 -0.47 6.89
C LYS A 25 -13.79 -1.29 7.06
N PHE A 26 -13.12 -1.07 8.16
N PHE A 26 -13.10 -1.01 8.16
CA PHE A 26 -11.91 -1.81 8.47
CA PHE A 26 -11.92 -1.74 8.60
C PHE A 26 -12.24 -2.96 9.40
C PHE A 26 -12.36 -3.01 9.32
N VAL A 27 -11.59 -4.09 9.15
CA VAL A 27 -11.88 -5.35 9.82
C VAL A 27 -10.56 -5.95 10.29
N THR A 28 -10.62 -6.72 11.37
CA THR A 28 -9.46 -7.48 11.83
C THR A 28 -9.90 -8.88 12.22
N THR A 29 -8.94 -9.80 12.21
CA THR A 29 -9.18 -11.15 12.71
C THR A 29 -7.86 -11.71 13.22
N GLU A 30 -7.93 -12.63 14.17
CA GLU A 30 -6.74 -13.23 14.77
C GLU A 30 -6.50 -14.61 14.18
N ILE A 31 -5.28 -14.84 13.67
CA ILE A 31 -4.90 -16.14 13.10
C ILE A 31 -3.52 -16.52 13.63
N ASN A 32 -3.44 -17.60 14.41
CA ASN A 32 -2.17 -18.11 14.94
C ASN A 32 -1.38 -17.03 15.69
N GLY A 33 -2.10 -16.22 16.47
CA GLY A 33 -1.48 -15.21 17.29
C GLY A 33 -1.17 -13.90 16.60
N LEU A 34 -1.44 -13.79 15.29
CA LEU A 34 -1.24 -12.55 14.56
C LEU A 34 -2.58 -11.89 14.28
N THR A 35 -2.66 -10.59 14.50
CA THR A 35 -3.79 -9.81 14.04
C THR A 35 -3.60 -9.51 12.55
N LEU A 36 -4.51 -10.01 11.71
CA LEU A 36 -4.54 -9.63 10.30
C LEU A 36 -5.53 -8.49 10.12
N ARG A 37 -5.13 -7.47 9.39
CA ARG A 37 -5.90 -6.24 9.24
C ARG A 37 -6.37 -6.10 7.79
N GLY A 38 -7.63 -5.72 7.62
CA GLY A 38 -8.22 -5.72 6.30
C GLY A 38 -9.23 -4.60 6.10
N THR A 39 -9.73 -4.54 4.86
CA THR A 39 -10.75 -3.56 4.46
C THR A 39 -11.89 -4.30 3.80
N ALA A 40 -13.12 -3.87 4.10
CA ALA A 40 -14.32 -4.42 3.47
C ALA A 40 -15.11 -3.31 2.80
N HIS A 41 -15.54 -3.57 1.56
CA HIS A 41 -16.39 -2.66 0.79
C HIS A 41 -17.76 -3.31 0.73
N VAL A 42 -18.73 -2.72 1.40
CA VAL A 42 -20.07 -3.30 1.54
C VAL A 42 -21.03 -2.51 0.66
N PRO A 43 -21.83 -3.17 -0.18
CA PRO A 43 -22.75 -2.45 -1.08
C PRO A 43 -23.91 -1.82 -0.32
N ASP A 44 -24.62 -0.94 -1.05
CA ASP A 44 -25.92 -0.42 -0.58
C ASP A 44 -26.83 -1.58 -0.23
N GLY A 45 -27.62 -1.42 0.83
CA GLY A 45 -28.55 -2.49 1.15
C GLY A 45 -29.41 -2.16 2.34
N GLU A 46 -30.34 -3.07 2.61
CA GLU A 46 -31.22 -3.03 3.76
C GLU A 46 -30.47 -3.44 5.01
N PRO A 47 -31.00 -3.12 6.20
CA PRO A 47 -30.34 -3.57 7.44
C PRO A 47 -30.17 -5.08 7.47
N GLY A 48 -28.94 -5.51 7.74
CA GLY A 48 -28.65 -6.92 7.86
C GLY A 48 -28.62 -7.69 6.57
N GLN A 49 -28.67 -7.01 5.42
CA GLN A 49 -28.62 -7.70 4.14
C GLN A 49 -27.26 -8.35 3.96
N GLN A 50 -27.26 -9.52 3.31
CA GLN A 50 -26.04 -10.25 3.00
C GLN A 50 -25.81 -10.24 1.49
N PHE A 51 -24.55 -10.21 1.10
CA PHE A 51 -24.19 -10.01 -0.29
C PHE A 51 -23.23 -11.10 -0.74
N PRO A 52 -23.30 -11.48 -2.02
CA PRO A 52 -22.20 -12.26 -2.59
C PRO A 52 -20.90 -11.52 -2.35
N THR A 53 -19.83 -12.27 -2.09
CA THR A 53 -18.60 -11.68 -1.59
C THR A 53 -17.40 -12.25 -2.31
N VAL A 54 -16.45 -11.36 -2.62
CA VAL A 54 -15.14 -11.74 -3.16
C VAL A 54 -14.08 -11.40 -2.11
N LEU A 55 -13.28 -12.39 -1.74
CA LEU A 55 -12.12 -12.20 -0.87
C LEU A 55 -10.87 -12.20 -1.73
N MET A 56 -10.04 -11.16 -1.57
CA MET A 56 -8.90 -10.92 -2.45
C MET A 56 -7.59 -11.18 -1.73
N PHE A 57 -6.66 -11.86 -2.42
CA PHE A 57 -5.33 -12.19 -1.90
C PHE A 57 -4.28 -11.44 -2.71
N HIS A 58 -3.52 -10.55 -2.04
CA HIS A 58 -2.45 -9.79 -2.66
C HIS A 58 -1.20 -10.65 -2.88
N GLY A 59 -0.21 -10.08 -3.56
CA GLY A 59 0.99 -10.79 -3.95
C GLY A 59 2.11 -10.72 -2.94
N PHE A 60 3.27 -11.24 -3.35
CA PHE A 60 4.41 -11.42 -2.46
C PHE A 60 5.01 -10.07 -2.04
N GLY A 61 5.09 -9.84 -0.73
CA GLY A 61 5.61 -8.57 -0.25
C GLY A 61 4.76 -7.37 -0.61
N ALA A 62 3.53 -7.59 -1.04
CA ALA A 62 2.62 -6.51 -1.39
C ALA A 62 1.74 -6.21 -0.18
N VAL A 63 0.74 -5.35 -0.38
CA VAL A 63 -0.22 -5.01 0.65
C VAL A 63 -1.62 -5.10 0.05
N ARG A 64 -2.63 -4.93 0.91
CA ARG A 64 -4.00 -5.26 0.52
C ARG A 64 -4.58 -4.28 -0.50
N ASP A 65 -3.97 -3.11 -0.68
CA ASP A 65 -4.38 -2.21 -1.76
C ASP A 65 -3.94 -2.74 -3.11
N GLU A 66 -2.95 -3.62 -3.10
CA GLU A 66 -2.15 -3.98 -4.28
C GLU A 66 -1.53 -2.74 -4.91
N GLY A 67 -0.85 -2.91 -6.04
CA GLY A 67 -0.07 -1.81 -6.59
C GLY A 67 -0.95 -0.76 -7.25
N PHE A 68 -0.69 0.50 -6.95
CA PHE A 68 -1.32 1.62 -7.64
C PHE A 68 -2.84 1.52 -7.67
N ARG A 69 -3.42 1.22 -6.50
CA ARG A 69 -4.86 1.19 -6.25
C ARG A 69 -5.59 0.03 -6.92
N LEU A 70 -4.87 -0.99 -7.40
CA LEU A 70 -5.48 -2.06 -8.20
C LEU A 70 -6.62 -2.75 -7.45
N PHE A 71 -6.38 -3.24 -6.23
CA PHE A 71 -7.44 -3.94 -5.51
C PHE A 71 -8.50 -2.98 -4.99
N ILE A 72 -8.13 -1.72 -4.74
CA ILE A 72 -9.11 -0.71 -4.34
C ILE A 72 -10.12 -0.48 -5.45
N GLN A 73 -9.62 -0.29 -6.67
CA GLN A 73 -10.50 -0.10 -7.81
C GLN A 73 -11.39 -1.31 -8.05
N MET A 74 -10.82 -2.51 -7.93
CA MET A 74 -11.63 -3.71 -8.12
C MET A 74 -12.69 -3.82 -7.03
N SER A 75 -12.30 -3.50 -5.78
CA SER A 75 -13.24 -3.56 -4.65
C SER A 75 -14.41 -2.61 -4.86
N ASN A 76 -14.11 -1.37 -5.26
CA ASN A 76 -15.19 -0.42 -5.47
C ASN A 76 -16.08 -0.83 -6.65
N ARG A 77 -15.49 -1.38 -7.71
CA ARG A 77 -16.29 -1.84 -8.85
CA ARG A 77 -16.29 -1.84 -8.85
C ARG A 77 -17.27 -2.93 -8.42
N LEU A 78 -16.80 -3.90 -7.64
CA LEU A 78 -17.69 -4.95 -7.13
C LEU A 78 -18.77 -4.34 -6.26
N MET A 79 -18.39 -3.47 -5.32
CA MET A 79 -19.32 -2.89 -4.36
C MET A 79 -20.44 -2.13 -5.07
N GLU A 80 -20.10 -1.38 -6.12
CA GLU A 80 -21.09 -0.61 -6.86
C GLU A 80 -22.07 -1.51 -7.60
N ASN A 81 -21.74 -2.79 -7.74
CA ASN A 81 -22.57 -3.75 -8.47
C ASN A 81 -23.18 -4.80 -7.54
N GLY A 82 -23.23 -4.54 -6.24
CA GLY A 82 -23.89 -5.43 -5.32
C GLY A 82 -23.08 -6.61 -4.81
N ILE A 83 -21.76 -6.60 -5.00
CA ILE A 83 -20.88 -7.67 -4.53
C ILE A 83 -19.95 -7.05 -3.49
N ALA A 84 -19.95 -7.62 -2.28
CA ALA A 84 -19.02 -7.15 -1.26
C ALA A 84 -17.59 -7.62 -1.57
N ALA A 85 -16.63 -6.79 -1.19
CA ALA A 85 -15.22 -7.08 -1.43
C ALA A 85 -14.46 -6.99 -0.12
N VAL A 86 -13.68 -8.01 0.19
CA VAL A 86 -12.89 -8.05 1.42
C VAL A 86 -11.44 -8.37 1.08
N ARG A 87 -10.51 -7.65 1.70
CA ARG A 87 -9.10 -7.86 1.39
C ARG A 87 -8.26 -7.59 2.63
N PHE A 88 -7.46 -8.56 3.05
CA PHE A 88 -6.61 -8.45 4.21
C PHE A 88 -5.14 -8.37 3.80
N ASP A 89 -4.35 -7.69 4.61
CA ASP A 89 -2.91 -7.89 4.58
C ASP A 89 -2.62 -9.27 5.17
N PHE A 90 -1.92 -10.11 4.42
CA PHE A 90 -1.49 -11.38 4.99
C PHE A 90 -0.58 -11.11 6.19
N GLY A 91 -0.43 -12.11 7.05
CA GLY A 91 0.54 -12.01 8.12
C GLY A 91 1.90 -11.67 7.57
N CYS A 92 2.67 -10.86 8.30
CA CYS A 92 4.00 -10.41 7.90
C CYS A 92 3.96 -9.47 6.71
N HIS A 93 2.78 -8.98 6.33
CA HIS A 93 2.63 -8.02 5.24
C HIS A 93 1.82 -6.82 5.70
N GLY A 94 2.10 -5.70 5.07
CA GLY A 94 1.31 -4.50 5.32
C GLY A 94 1.16 -4.19 6.79
N GLU A 95 -0.07 -3.88 7.18
CA GLU A 95 -0.39 -3.46 8.54
C GLU A 95 -0.67 -4.63 9.48
N SER A 96 -0.70 -5.85 8.97
CA SER A 96 -0.91 -6.99 9.84
C SER A 96 0.33 -7.24 10.70
N ASP A 97 0.11 -7.96 11.81
CA ASP A 97 1.22 -8.36 12.66
C ASP A 97 2.13 -9.33 11.91
N GLY A 98 3.35 -9.45 12.41
CA GLY A 98 4.31 -10.43 11.91
C GLY A 98 5.47 -9.75 11.21
N GLU A 99 6.67 -10.29 11.45
CA GLU A 99 7.88 -9.82 10.80
C GLU A 99 8.09 -10.58 9.50
N PHE A 100 8.49 -9.85 8.45
CA PHE A 100 8.78 -10.52 7.18
C PHE A 100 9.84 -11.59 7.35
N GLU A 101 10.76 -11.42 8.31
CA GLU A 101 11.80 -12.43 8.50
C GLU A 101 11.21 -13.79 8.87
N ASP A 102 10.00 -13.81 9.43
CA ASP A 102 9.34 -15.04 9.86
C ASP A 102 8.34 -15.57 8.86
N PHE A 103 8.16 -14.89 7.73
CA PHE A 103 7.14 -15.27 6.76
C PHE A 103 7.42 -16.63 6.14
N THR A 104 6.36 -17.44 5.98
CA THR A 104 6.45 -18.66 5.19
C THR A 104 5.21 -18.77 4.31
N PHE A 105 5.37 -19.40 3.14
CA PHE A 105 4.19 -19.58 2.28
C PHE A 105 3.19 -20.53 2.92
N SER A 106 3.65 -21.54 3.67
CA SER A 106 2.72 -22.43 4.36
C SER A 106 1.79 -21.64 5.28
N GLN A 107 2.32 -20.65 6.01
CA GLN A 107 1.42 -19.91 6.88
C GLN A 107 0.50 -18.99 6.08
N GLU A 108 0.95 -18.49 4.92
CA GLU A 108 0.03 -17.77 4.03
C GLU A 108 -1.13 -18.66 3.61
N LEU A 109 -0.84 -19.92 3.25
CA LEU A 109 -1.90 -20.85 2.90
C LEU A 109 -2.83 -21.10 4.10
N ASN A 110 -2.25 -21.26 5.29
CA ASN A 110 -3.08 -21.46 6.48
C ASN A 110 -3.95 -20.24 6.75
N GLU A 111 -3.37 -19.04 6.62
CA GLU A 111 -4.16 -17.82 6.80
C GLU A 111 -5.27 -17.71 5.75
N GLY A 112 -4.97 -18.06 4.50
CA GLY A 112 -6.00 -18.01 3.48
C GLY A 112 -7.18 -18.90 3.83
N SER A 113 -6.89 -20.10 4.34
CA SER A 113 -7.94 -21.02 4.78
C SER A 113 -8.74 -20.41 5.94
N ALA A 114 -8.03 -19.88 6.95
CA ALA A 114 -8.71 -19.27 8.09
C ALA A 114 -9.48 -18.02 7.70
N LEU A 115 -9.01 -17.28 6.70
CA LEU A 115 -9.74 -16.08 6.26
C LEU A 115 -11.05 -16.45 5.59
N ILE A 116 -11.11 -17.56 4.85
CA ILE A 116 -12.40 -18.02 4.33
C ILE A 116 -13.40 -18.15 5.47
N ASP A 117 -12.98 -18.79 6.57
CA ASP A 117 -13.91 -19.03 7.66
C ASP A 117 -14.28 -17.74 8.37
N ALA A 118 -13.29 -16.87 8.61
CA ALA A 118 -13.61 -15.61 9.28
C ALA A 118 -14.52 -14.73 8.44
N VAL A 119 -14.25 -14.64 7.14
CA VAL A 119 -15.04 -13.76 6.28
C VAL A 119 -16.44 -14.32 6.04
N LYS A 120 -16.55 -15.64 5.87
CA LYS A 120 -17.88 -16.24 5.72
C LYS A 120 -18.77 -15.98 6.94
N SER A 121 -18.19 -15.70 8.10
CA SER A 121 -18.98 -15.39 9.30
C SER A 121 -19.25 -13.89 9.46
N MET A 122 -18.74 -13.05 8.58
CA MET A 122 -19.04 -11.63 8.70
C MET A 122 -20.50 -11.35 8.37
N SER A 123 -21.05 -10.33 9.04
CA SER A 123 -22.51 -10.16 9.05
C SER A 123 -23.07 -9.84 7.67
N PHE A 124 -22.29 -9.20 6.81
CA PHE A 124 -22.76 -8.77 5.50
C PHE A 124 -22.49 -9.79 4.39
N VAL A 125 -21.94 -10.96 4.72
CA VAL A 125 -21.49 -11.94 3.73
C VAL A 125 -22.53 -13.04 3.56
N ASP A 126 -22.91 -13.30 2.32
CA ASP A 126 -23.68 -14.49 1.95
C ASP A 126 -22.67 -15.61 1.74
N SER A 127 -22.54 -16.50 2.73
CA SER A 127 -21.53 -17.55 2.67
C SER A 127 -21.81 -18.57 1.58
N THR A 128 -23.01 -18.57 0.97
CA THR A 128 -23.28 -19.48 -0.13
C THR A 128 -22.84 -18.91 -1.48
N LYS A 129 -22.43 -17.64 -1.54
CA LYS A 129 -22.02 -17.00 -2.79
C LYS A 129 -20.71 -16.28 -2.48
N PHE A 130 -19.60 -17.02 -2.54
CA PHE A 130 -18.34 -16.56 -1.97
C PHE A 130 -17.21 -17.04 -2.88
N SER A 131 -16.38 -16.11 -3.33
CA SER A 131 -15.34 -16.42 -4.30
C SER A 131 -14.00 -15.83 -3.86
N LEU A 132 -12.92 -16.32 -4.48
CA LEU A 132 -11.58 -15.76 -4.28
C LEU A 132 -11.10 -15.07 -5.55
N LEU A 133 -10.35 -14.00 -5.34
CA LEU A 133 -9.59 -13.30 -6.38
C LEU A 133 -8.15 -13.19 -5.91
N GLY A 134 -7.20 -13.44 -6.82
CA GLY A 134 -5.79 -13.31 -6.49
C GLY A 134 -5.05 -12.45 -7.50
N GLU A 135 -3.94 -11.88 -7.05
CA GLU A 135 -2.93 -11.28 -7.91
C GLU A 135 -1.59 -11.91 -7.60
N ALA A 136 -0.90 -12.40 -8.65
CA ALA A 136 0.50 -12.83 -8.54
C ALA A 136 0.62 -13.99 -7.55
N LEU A 137 1.44 -13.90 -6.50
CA LEU A 137 1.52 -15.00 -5.55
C LEU A 137 0.18 -15.21 -4.84
N GLY A 138 -0.63 -14.16 -4.70
CA GLY A 138 -1.95 -14.34 -4.13
C GLY A 138 -2.84 -15.24 -4.97
N SER A 139 -2.65 -15.23 -6.30
CA SER A 139 -3.36 -16.18 -7.16
C SER A 139 -2.91 -17.61 -6.89
N VAL A 140 -1.61 -17.82 -6.68
CA VAL A 140 -1.13 -19.15 -6.34
C VAL A 140 -1.74 -19.61 -5.03
N ALA A 141 -1.71 -18.75 -4.01
CA ALA A 141 -2.34 -19.09 -2.74
C ALA A 141 -3.82 -19.43 -2.92
N ALA A 142 -4.53 -18.59 -3.68
CA ALA A 142 -5.94 -18.85 -3.92
C ALA A 142 -6.17 -20.19 -4.60
N SER A 143 -5.32 -20.53 -5.58
CA SER A 143 -5.50 -21.80 -6.29
C SER A 143 -5.32 -23.00 -5.36
N ILE A 144 -4.37 -22.92 -4.43
CA ILE A 144 -4.09 -24.04 -3.54
C ILE A 144 -5.19 -24.16 -2.49
N VAL A 145 -5.58 -23.03 -1.88
CA VAL A 145 -6.66 -23.05 -0.90
C VAL A 145 -7.95 -23.55 -1.54
N ALA A 146 -8.23 -23.10 -2.77
CA ALA A 146 -9.45 -23.52 -3.46
C ALA A 146 -9.47 -25.03 -3.67
N GLY A 147 -8.31 -25.63 -3.94
CA GLY A 147 -8.26 -27.06 -4.15
C GLY A 147 -8.41 -27.83 -2.84
N LYS A 148 -7.83 -27.30 -1.76
CA LYS A 148 -7.93 -27.95 -0.47
C LYS A 148 -9.32 -27.79 0.15
N ARG A 149 -10.02 -26.71 -0.19
CA ARG A 149 -11.34 -26.44 0.34
C ARG A 149 -12.31 -26.41 -0.83
N SER A 150 -12.37 -27.51 -1.60
CA SER A 150 -12.97 -27.51 -2.93
C SER A 150 -14.47 -27.25 -2.95
N THR A 151 -15.16 -27.33 -1.80
CA THR A 151 -16.59 -27.03 -1.73
C THR A 151 -16.89 -25.60 -1.29
N GLU A 152 -15.88 -24.84 -0.89
CA GLU A 152 -16.14 -23.56 -0.24
C GLU A 152 -16.38 -22.42 -1.21
N LEU A 153 -15.91 -22.52 -2.45
CA LEU A 153 -15.84 -21.38 -3.35
C LEU A 153 -16.81 -21.52 -4.50
N THR A 154 -17.58 -20.46 -4.72
CA THR A 154 -18.47 -20.40 -5.88
C THR A 154 -17.67 -20.25 -7.17
N SER A 155 -16.59 -19.49 -7.15
CA SER A 155 -15.74 -19.32 -8.32
C SER A 155 -14.37 -18.80 -7.86
N LEU A 156 -13.43 -18.84 -8.79
CA LEU A 156 -12.05 -18.44 -8.52
C LEU A 156 -11.55 -17.62 -9.71
N CYS A 157 -10.98 -16.46 -9.43
CA CYS A 157 -10.34 -15.65 -10.46
C CYS A 157 -8.89 -15.38 -10.07
N MET A 158 -7.98 -15.64 -11.01
CA MET A 158 -6.54 -15.47 -10.80
C MET A 158 -5.98 -14.50 -11.82
N TRP A 159 -5.38 -13.41 -11.34
CA TRP A 159 -4.64 -12.50 -12.20
C TRP A 159 -3.15 -12.80 -12.08
N SER A 160 -2.46 -12.81 -13.23
CA SER A 160 -1.00 -12.87 -13.29
C SER A 160 -0.41 -13.88 -12.32
N PRO A 161 -0.87 -15.13 -12.31
CA PRO A 161 -0.42 -16.06 -11.25
C PRO A 161 1.08 -16.25 -11.28
N ALA A 162 1.70 -16.14 -10.11
CA ALA A 162 3.16 -16.26 -9.97
C ALA A 162 3.55 -17.71 -9.71
N ALA A 163 3.05 -18.63 -10.55
CA ALA A 163 3.21 -20.04 -10.31
C ALA A 163 4.61 -20.56 -10.64
N SER A 164 5.47 -19.70 -11.17
CA SER A 164 6.88 -20.01 -11.38
C SER A 164 7.73 -19.89 -10.12
N PHE A 165 7.17 -19.44 -9.00
CA PHE A 165 8.03 -19.00 -7.90
C PHE A 165 8.88 -20.13 -7.32
N LEU A 166 8.32 -21.35 -7.25
CA LEU A 166 9.12 -22.48 -6.75
C LEU A 166 10.22 -22.83 -7.74
N ASP A 167 9.86 -22.92 -9.03
CA ASP A 167 10.87 -23.21 -10.05
C ASP A 167 11.98 -22.17 -10.04
N GLU A 168 11.63 -20.89 -9.93
CA GLU A 168 12.66 -19.86 -9.96
C GLU A 168 13.61 -19.99 -8.78
N ILE A 169 13.07 -20.14 -7.57
CA ILE A 169 13.92 -20.17 -6.38
C ILE A 169 14.69 -21.48 -6.30
N LEU A 170 14.00 -22.61 -6.51
CA LEU A 170 14.62 -23.91 -6.27
C LEU A 170 15.50 -24.36 -7.44
N ASN A 171 15.14 -24.00 -8.67
CA ASN A 171 15.92 -24.40 -9.84
C ASN A 171 16.85 -23.32 -10.36
N ASP A 172 16.39 -22.08 -10.46
CA ASP A 172 17.23 -20.99 -10.96
C ASP A 172 17.96 -20.25 -9.85
N HIS A 173 17.64 -20.53 -8.59
CA HIS A 173 18.34 -19.96 -7.44
C HIS A 173 18.25 -18.43 -7.38
N THR A 174 17.13 -17.88 -7.84
CA THR A 174 16.88 -16.46 -7.76
C THR A 174 15.46 -16.22 -7.27
N LEU A 175 15.27 -15.08 -6.62
CA LEU A 175 13.94 -14.61 -6.22
C LEU A 175 13.78 -13.27 -6.91
N GLN A 176 12.87 -13.22 -7.87
CA GLN A 176 12.69 -12.04 -8.73
C GLN A 176 14.04 -11.51 -9.22
N GLY A 177 14.89 -12.44 -9.66
CA GLY A 177 16.15 -12.11 -10.30
C GLY A 177 17.36 -11.98 -9.40
N LYS A 178 17.20 -11.92 -8.08
CA LYS A 178 18.33 -11.77 -7.16
C LYS A 178 18.68 -13.12 -6.54
N THR A 179 19.98 -13.36 -6.35
CA THR A 179 20.42 -14.67 -5.88
C THR A 179 19.90 -14.97 -4.48
N VAL A 180 19.53 -16.23 -4.25
CA VAL A 180 19.16 -16.74 -2.94
C VAL A 180 20.28 -17.59 -2.33
N ASP A 181 21.44 -17.64 -2.99
CA ASP A 181 22.47 -18.59 -2.56
C ASP A 181 23.17 -18.20 -1.27
N ASN A 182 22.99 -16.97 -0.78
CA ASN A 182 23.68 -16.53 0.41
C ASN A 182 22.78 -16.49 1.65
N VAL A 183 21.55 -17.00 1.54
CA VAL A 183 20.61 -16.94 2.66
C VAL A 183 21.13 -17.72 3.87
N GLU A 184 21.69 -18.92 3.64
CA GLU A 184 22.17 -19.67 4.79
C GLU A 184 23.37 -19.00 5.45
N LYS A 185 24.30 -18.49 4.64
CA LYS A 185 25.49 -17.86 5.20
C LYS A 185 25.14 -16.56 5.91
N ASP A 186 24.24 -15.78 5.34
CA ASP A 186 24.01 -14.42 5.81
C ASP A 186 22.75 -14.27 6.65
N GLY A 187 21.92 -15.30 6.74
CA GLY A 187 20.81 -15.32 7.66
C GLY A 187 19.49 -14.85 7.10
N TYR A 188 19.49 -14.19 5.94
CA TYR A 188 18.26 -13.64 5.39
C TYR A 188 18.52 -13.22 3.94
N PHE A 189 17.44 -12.91 3.25
CA PHE A 189 17.43 -12.32 1.92
C PHE A 189 16.87 -10.92 2.05
N ASP A 190 17.50 -9.94 1.37
CA ASP A 190 17.06 -8.55 1.42
C ASP A 190 16.02 -8.34 0.31
N PHE A 191 14.76 -8.18 0.70
CA PHE A 191 13.68 -7.90 -0.24
C PHE A 191 13.24 -6.44 -0.07
N TYR A 192 13.83 -5.55 -0.86
CA TYR A 192 13.45 -4.13 -0.87
C TYR A 192 13.48 -3.48 0.51
N GLY A 193 14.45 -3.88 1.33
CA GLY A 193 14.61 -3.31 2.65
C GLY A 193 14.03 -4.14 3.77
N LEU A 194 13.29 -5.20 3.45
CA LEU A 194 12.76 -6.13 4.44
C LEU A 194 13.63 -7.37 4.48
N LYS A 195 13.79 -7.93 5.67
CA LYS A 195 14.49 -9.21 5.84
C LYS A 195 13.52 -10.35 5.62
N LEU A 196 13.88 -11.26 4.73
CA LEU A 196 13.14 -12.51 4.51
C LEU A 196 14.03 -13.64 5.01
N GLY A 197 13.53 -14.42 5.98
CA GLY A 197 14.38 -15.34 6.71
C GLY A 197 14.56 -16.68 6.01
N LYS A 198 15.42 -17.50 6.62
CA LYS A 198 15.66 -18.84 6.10
C LYS A 198 14.42 -19.71 6.17
N ALA A 199 13.52 -19.43 7.12
CA ALA A 199 12.33 -20.26 7.27
C ALA A 199 11.50 -20.29 6.00
N PHE A 200 11.38 -19.15 5.30
CA PHE A 200 10.67 -19.11 4.04
C PHE A 200 11.26 -20.10 3.04
N PHE A 201 12.59 -20.08 2.90
CA PHE A 201 13.24 -20.93 1.92
C PHE A 201 13.19 -22.39 2.31
N ASP A 202 13.33 -22.69 3.61
CA ASP A 202 13.24 -24.07 4.07
C ASP A 202 11.86 -24.66 3.88
N ASP A 203 10.82 -23.81 3.88
CA ASP A 203 9.43 -24.25 3.76
C ASP A 203 9.02 -24.53 2.32
N LEU A 204 9.80 -24.07 1.33
CA LEU A 204 9.39 -24.22 -0.07
C LEU A 204 9.21 -25.69 -0.46
N LYS A 205 9.98 -26.59 0.14
CA LYS A 205 9.86 -28.01 -0.18
C LYS A 205 8.49 -28.57 0.19
N ASN A 206 7.74 -27.89 1.05
CA ASN A 206 6.43 -28.34 1.48
C ASN A 206 5.31 -27.95 0.52
N ILE A 207 5.60 -27.16 -0.51
CA ILE A 207 4.55 -26.53 -1.30
C ILE A 207 4.31 -27.32 -2.58
N ASN A 208 3.05 -27.59 -2.88
CA ASN A 208 2.64 -28.14 -4.17
C ASN A 208 1.55 -27.26 -4.74
N ILE A 209 1.74 -26.78 -5.96
CA ILE A 209 0.79 -25.90 -6.63
C ILE A 209 -0.23 -26.72 -7.41
N PHE A 210 0.22 -27.44 -8.44
CA PHE A 210 -0.71 -27.90 -9.46
C PHE A 210 -1.53 -29.12 -9.04
N ASP A 211 -0.96 -30.02 -8.24
CA ASP A 211 -1.76 -31.16 -7.79
C ASP A 211 -2.84 -30.72 -6.80
N ASN A 212 -2.58 -29.69 -5.99
CA ASN A 212 -3.62 -29.15 -5.15
C ASN A 212 -4.65 -28.37 -5.97
N ALA A 213 -4.17 -27.54 -6.91
CA ALA A 213 -5.08 -26.63 -7.60
C ALA A 213 -6.11 -27.37 -8.43
N LYS A 214 -5.72 -28.50 -9.03
CA LYS A 214 -6.64 -29.22 -9.91
C LYS A 214 -7.80 -29.87 -9.16
N LYS A 215 -7.76 -29.90 -7.83
CA LYS A 215 -8.89 -30.42 -7.06
C LYS A 215 -10.11 -29.51 -7.12
N TYR A 216 -9.95 -28.22 -7.43
CA TYR A 216 -11.09 -27.33 -7.52
C TYR A 216 -11.73 -27.44 -8.90
N GLN A 217 -13.03 -27.79 -8.93
CA GLN A 217 -13.74 -28.05 -10.17
C GLN A 217 -14.80 -27.00 -10.49
N GLY A 218 -14.84 -25.89 -9.75
CA GLY A 218 -15.76 -24.83 -10.06
C GLY A 218 -15.25 -23.95 -11.19
N PRO A 219 -16.01 -22.90 -11.49
CA PRO A 219 -15.59 -21.95 -12.53
C PRO A 219 -14.31 -21.23 -12.12
N VAL A 220 -13.34 -21.23 -13.03
CA VAL A 220 -12.06 -20.53 -12.83
C VAL A 220 -11.82 -19.62 -14.03
N LYS A 221 -11.40 -18.39 -13.76
CA LYS A 221 -10.95 -17.47 -14.80
C LYS A 221 -9.54 -17.03 -14.48
N ILE A 222 -8.65 -17.13 -15.47
CA ILE A 222 -7.27 -16.66 -15.36
C ILE A 222 -7.08 -15.53 -16.35
N VAL A 223 -6.48 -14.44 -15.90
CA VAL A 223 -6.18 -13.32 -16.78
C VAL A 223 -4.66 -13.12 -16.80
N TYR A 224 -4.08 -13.22 -17.99
CA TYR A 224 -2.64 -13.17 -18.17
C TYR A 224 -2.32 -12.09 -19.19
N GLY A 225 -1.33 -11.25 -18.88
CA GLY A 225 -0.87 -10.21 -19.79
C GLY A 225 0.39 -10.62 -20.51
N THR A 226 0.46 -10.31 -21.82
CA THR A 226 1.58 -10.80 -22.62
C THR A 226 2.92 -10.20 -22.20
N ASN A 227 2.93 -9.08 -21.48
CA ASN A 227 4.18 -8.52 -20.96
C ASN A 227 4.47 -8.96 -19.53
N ASP A 228 3.69 -9.89 -18.99
CA ASP A 228 4.02 -10.46 -17.68
C ASP A 228 5.37 -11.16 -17.76
N PHE A 229 6.20 -10.93 -16.76
CA PHE A 229 7.48 -11.65 -16.69
C PHE A 229 7.30 -13.12 -16.31
N ILE A 230 6.18 -13.49 -15.71
CA ILE A 230 5.90 -14.93 -15.50
C ILE A 230 5.63 -15.57 -16.85
N PRO A 231 6.27 -16.70 -17.17
CA PRO A 231 6.01 -17.37 -18.46
C PRO A 231 4.55 -17.77 -18.61
N GLU A 232 4.02 -17.57 -19.83
CA GLU A 232 2.64 -17.91 -20.14
C GLU A 232 2.36 -19.40 -19.90
N LYS A 233 3.39 -20.25 -20.02
CA LYS A 233 3.18 -21.69 -19.89
C LYS A 233 2.52 -22.05 -18.57
N TYR A 234 2.81 -21.32 -17.49
CA TYR A 234 2.22 -21.66 -16.19
C TYR A 234 0.70 -21.48 -16.20
N SER A 235 0.19 -20.50 -16.94
CA SER A 235 -1.26 -20.36 -17.04
C SER A 235 -1.88 -21.53 -17.78
N HIS A 236 -1.18 -22.04 -18.81
CA HIS A 236 -1.66 -23.23 -19.51
C HIS A 236 -1.62 -24.46 -18.62
N LYS A 237 -0.61 -24.57 -17.75
CA LYS A 237 -0.58 -25.69 -16.81
C LYS A 237 -1.77 -25.67 -15.87
N TYR A 238 -2.15 -24.49 -15.38
CA TYR A 238 -3.37 -24.40 -14.60
C TYR A 238 -4.59 -24.85 -15.40
N MET A 239 -4.72 -24.33 -16.63
CA MET A 239 -5.86 -24.68 -17.46
C MET A 239 -5.92 -26.19 -17.72
N ASP A 240 -4.75 -26.82 -17.84
CA ASP A 240 -4.67 -28.25 -18.12
C ASP A 240 -5.32 -29.07 -17.01
N GLY A 241 -5.35 -28.53 -15.80
CA GLY A 241 -5.93 -29.22 -14.66
C GLY A 241 -7.32 -28.79 -14.27
N TYR A 242 -7.87 -27.75 -14.92
CA TYR A 242 -9.17 -27.21 -14.56
C TYR A 242 -10.26 -27.76 -15.48
N GLU A 243 -11.29 -28.34 -14.87
CA GLU A 243 -12.45 -28.82 -15.61
C GLU A 243 -13.26 -27.67 -16.22
N ASN A 244 -13.32 -26.51 -15.55
CA ASN A 244 -14.15 -25.40 -15.98
CA ASN A 244 -14.16 -25.41 -15.98
C ASN A 244 -13.35 -24.11 -15.93
N GLY A 245 -12.31 -24.04 -16.75
CA GLY A 245 -11.41 -22.89 -16.79
C GLY A 245 -11.60 -22.03 -18.02
N GLU A 246 -11.31 -20.74 -17.88
CA GLU A 246 -11.28 -19.79 -18.97
C GLU A 246 -10.00 -18.96 -18.83
N LEU A 247 -9.25 -18.83 -19.92
CA LEU A 247 -8.02 -18.05 -19.93
C LEU A 247 -8.17 -16.87 -20.87
N VAL A 248 -8.01 -15.66 -20.33
CA VAL A 248 -8.00 -14.45 -21.13
C VAL A 248 -6.56 -13.96 -21.22
N ILE A 249 -6.09 -13.71 -22.44
CA ILE A 249 -4.75 -13.23 -22.69
C ILE A 249 -4.87 -11.79 -23.16
N VAL A 250 -4.41 -10.85 -22.34
CA VAL A 250 -4.51 -9.43 -22.63
C VAL A 250 -3.25 -8.97 -23.33
N GLN A 251 -3.39 -8.59 -24.60
CA GLN A 251 -2.26 -8.09 -25.36
C GLN A 251 -1.70 -6.83 -24.71
N ASP A 252 -0.40 -6.86 -24.40
CA ASP A 252 0.34 -5.75 -23.80
C ASP A 252 -0.02 -5.52 -22.34
N GLY A 253 -0.79 -6.42 -21.73
CA GLY A 253 -0.96 -6.36 -20.28
C GLY A 253 0.31 -6.78 -19.57
N ASP A 254 0.54 -6.21 -18.39
CA ASP A 254 1.72 -6.56 -17.61
C ASP A 254 1.31 -7.14 -16.25
N HIS A 255 2.34 -7.51 -15.48
CA HIS A 255 2.16 -8.27 -14.24
C HIS A 255 1.15 -7.61 -13.31
N GLY A 256 1.31 -6.31 -13.10
CA GLY A 256 0.45 -5.56 -12.19
C GLY A 256 -0.62 -4.71 -12.84
N TRP A 257 -0.87 -4.88 -14.14
CA TRP A 257 -1.92 -4.12 -14.83
C TRP A 257 -1.68 -2.63 -14.71
N GLN A 258 -0.46 -2.22 -15.08
CA GLN A 258 0.07 -0.89 -14.82
C GLN A 258 0.14 -0.03 -16.08
N SER A 259 -0.87 -0.15 -16.92
CA SER A 259 -1.17 0.84 -17.94
C SER A 259 -2.66 1.13 -17.86
N VAL A 260 -3.04 2.35 -18.24
CA VAL A 260 -4.47 2.72 -18.22
C VAL A 260 -5.32 1.77 -19.06
N PRO A 261 -4.95 1.41 -20.30
CA PRO A 261 -5.78 0.46 -21.04
C PRO A 261 -5.84 -0.92 -20.40
N SER A 262 -4.72 -1.42 -19.87
CA SER A 262 -4.77 -2.76 -19.28
C SER A 262 -5.49 -2.76 -17.94
N ARG A 263 -5.45 -1.64 -17.21
CA ARG A 263 -6.23 -1.54 -15.97
C ARG A 263 -7.72 -1.61 -16.27
N LYS A 264 -8.18 -0.89 -17.30
CA LYS A 264 -9.58 -0.97 -17.67
C LYS A 264 -9.97 -2.40 -18.04
N ARG A 265 -9.10 -3.08 -18.78
CA ARG A 265 -9.39 -4.45 -19.20
C ARG A 265 -9.51 -5.39 -18.01
N ILE A 266 -8.56 -5.33 -17.07
CA ILE A 266 -8.57 -6.27 -15.95
C ILE A 266 -9.81 -6.04 -15.07
N LEU A 267 -10.17 -4.78 -14.82
CA LEU A 267 -11.37 -4.52 -14.03
C LEU A 267 -12.64 -5.00 -14.74
N ASP A 268 -12.75 -4.73 -16.04
CA ASP A 268 -13.94 -5.14 -16.78
C ASP A 268 -14.05 -6.66 -16.88
N GLU A 269 -12.94 -7.33 -17.20
CA GLU A 269 -12.97 -8.79 -17.35
C GLU A 269 -13.35 -9.46 -16.03
N THR A 270 -12.90 -8.90 -14.92
CA THR A 270 -13.14 -9.51 -13.62
C THR A 270 -14.56 -9.25 -13.15
N MET A 271 -15.06 -8.02 -13.34
CA MET A 271 -16.46 -7.76 -13.04
C MET A 271 -17.38 -8.64 -13.87
N LYS A 272 -17.04 -8.85 -15.15
CA LYS A 272 -17.85 -9.73 -15.99
C LYS A 272 -17.93 -11.13 -15.40
N PHE A 273 -16.78 -11.67 -14.99
CA PHE A 273 -16.74 -13.02 -14.43
C PHE A 273 -17.53 -13.11 -13.12
N PHE A 274 -17.37 -12.12 -12.23
CA PHE A 274 -18.09 -12.20 -10.97
C PHE A 274 -19.57 -11.90 -11.12
N ARG A 275 -19.95 -11.07 -12.10
CA ARG A 275 -21.38 -10.94 -12.41
C ARG A 275 -21.97 -12.28 -12.82
N LYS A 276 -21.26 -12.99 -13.70
CA LYS A 276 -21.76 -14.28 -14.18
C LYS A 276 -21.84 -15.29 -13.05
N THR A 277 -20.80 -15.38 -12.22
CA THR A 277 -20.73 -16.48 -11.25
C THR A 277 -21.39 -16.16 -9.90
N LEU A 278 -21.54 -14.88 -9.55
CA LEU A 278 -22.09 -14.50 -8.26
C LEU A 278 -23.46 -13.82 -8.32
N LEU A 279 -23.81 -13.19 -9.44
CA LEU A 279 -25.05 -12.45 -9.56
C LEU A 279 -26.07 -13.12 -10.48
N GLU A 280 -25.63 -13.83 -11.51
CA GLU A 280 -26.52 -14.42 -12.50
C GLU A 280 -26.69 -15.92 -12.36
N ALA A 281 -25.89 -16.58 -11.51
CA ALA A 281 -26.01 -18.02 -11.33
C ALA A 281 -27.03 -18.36 -10.25
N TYR B 19 -5.43 1.23 32.50
CA TYR B 19 -4.26 1.24 31.62
C TYR B 19 -4.47 0.34 30.40
N PHE B 20 -4.25 0.89 29.22
CA PHE B 20 -4.47 0.18 27.97
C PHE B 20 -3.14 0.03 27.23
N GLN B 21 -2.88 -1.19 26.74
CA GLN B 21 -1.71 -1.39 25.90
C GLN B 21 -1.87 -0.65 24.58
N SER B 22 -0.77 -0.53 23.86
CA SER B 22 -0.76 0.15 22.58
C SER B 22 -1.75 -0.51 21.63
N MET B 23 -2.22 0.27 20.66
CA MET B 23 -3.20 -0.23 19.71
C MET B 23 -3.02 0.44 18.36
N ILE B 24 -3.42 -0.28 17.32
CA ILE B 24 -3.52 0.24 15.97
C ILE B 24 -5.00 0.40 15.66
N LYS B 25 -5.39 1.60 15.24
CA LYS B 25 -6.79 1.79 14.92
C LYS B 25 -6.93 2.55 13.61
N PHE B 26 -8.10 2.43 13.00
N PHE B 26 -8.11 2.38 13.00
CA PHE B 26 -8.35 3.08 11.74
CA PHE B 26 -8.50 3.04 11.76
C PHE B 26 -9.21 4.32 11.94
C PHE B 26 -9.10 4.39 12.10
N VAL B 27 -8.84 5.39 11.26
CA VAL B 27 -9.41 6.72 11.45
C VAL B 27 -9.86 7.26 10.11
N THR B 28 -10.87 8.13 10.13
CA THR B 28 -11.31 8.80 8.92
C THR B 28 -11.57 10.27 9.24
N THR B 29 -11.55 11.07 8.18
CA THR B 29 -11.92 12.48 8.31
C THR B 29 -12.50 12.92 6.97
N GLU B 30 -13.31 13.99 7.00
CA GLU B 30 -13.91 14.55 5.80
C GLU B 30 -13.28 15.91 5.52
N ILE B 31 -12.68 16.05 4.33
CA ILE B 31 -12.04 17.30 3.92
C ILE B 31 -12.51 17.63 2.51
N ASN B 32 -13.19 18.77 2.37
CA ASN B 32 -13.68 19.23 1.06
C ASN B 32 -14.54 18.16 0.36
N GLY B 33 -15.32 17.43 1.15
CA GLY B 33 -16.24 16.46 0.61
C GLY B 33 -15.66 15.09 0.32
N LEU B 34 -14.37 14.89 0.55
CA LEU B 34 -13.74 13.60 0.37
C LEU B 34 -13.48 12.97 1.73
N THR B 35 -13.76 11.68 1.85
CA THR B 35 -13.37 10.95 3.05
C THR B 35 -11.91 10.51 2.88
N LEU B 36 -11.04 10.96 3.79
CA LEU B 36 -9.68 10.47 3.85
C LEU B 36 -9.58 9.41 4.93
N ARG B 37 -8.87 8.33 4.62
CA ARG B 37 -8.80 7.16 5.49
C ARG B 37 -7.37 6.97 5.94
N GLY B 38 -7.19 6.62 7.22
CA GLY B 38 -5.86 6.55 7.78
C GLY B 38 -5.73 5.52 8.88
N THR B 39 -4.50 5.39 9.38
CA THR B 39 -4.16 4.48 10.45
C THR B 39 -3.46 5.26 11.56
N ALA B 40 -3.79 4.93 12.80
CA ALA B 40 -3.18 5.55 13.98
C ALA B 40 -2.55 4.47 14.84
N HIS B 41 -1.32 4.71 15.30
CA HIS B 41 -0.62 3.81 16.21
C HIS B 41 -0.51 4.54 17.53
N VAL B 42 -1.23 4.06 18.55
CA VAL B 42 -1.37 4.76 19.83
C VAL B 42 -0.52 4.02 20.86
N PRO B 43 0.38 4.69 21.57
CA PRO B 43 1.23 4.01 22.56
C PRO B 43 0.45 3.50 23.77
N ASP B 44 1.12 2.64 24.54
CA ASP B 44 0.66 2.26 25.87
C ASP B 44 0.38 3.51 26.70
N GLY B 45 -0.68 3.46 27.49
CA GLY B 45 -0.90 4.57 28.40
C GLY B 45 -2.19 4.42 29.17
N GLU B 46 -2.49 5.46 29.95
CA GLU B 46 -3.67 5.51 30.77
C GLU B 46 -4.82 6.13 30.00
N PRO B 47 -6.06 5.87 30.40
CA PRO B 47 -7.20 6.45 29.69
C PRO B 47 -7.10 7.97 29.57
N GLY B 48 -7.38 8.46 28.36
CA GLY B 48 -7.33 9.89 28.10
C GLY B 48 -5.95 10.49 27.99
N GLN B 49 -4.89 9.68 28.03
CA GLN B 49 -3.55 10.23 27.94
C GLN B 49 -3.33 10.81 26.56
N GLN B 50 -2.66 11.96 26.50
CA GLN B 50 -2.32 12.59 25.23
C GLN B 50 -0.83 12.44 24.98
N PHE B 51 -0.47 12.06 23.77
CA PHE B 51 0.91 11.72 23.44
C PHE B 51 1.47 12.70 22.42
N PRO B 52 2.78 12.96 22.48
CA PRO B 52 3.44 13.60 21.33
C PRO B 52 3.14 12.77 20.09
N THR B 53 2.94 13.43 18.95
CA THR B 53 2.37 12.78 17.77
C THR B 53 3.11 13.19 16.51
N VAL B 54 3.37 12.22 15.64
CA VAL B 54 3.90 12.46 14.30
C VAL B 54 2.84 12.10 13.27
N LEU B 55 2.53 13.04 12.39
CA LEU B 55 1.68 12.82 11.23
C LEU B 55 2.56 12.65 10.00
N MET B 56 2.34 11.56 9.25
CA MET B 56 3.21 11.19 8.12
C MET B 56 2.50 11.40 6.79
N PHE B 57 3.20 12.02 5.83
CA PHE B 57 2.69 12.25 4.48
C PHE B 57 3.45 11.37 3.49
N HIS B 58 2.72 10.51 2.77
CA HIS B 58 3.30 9.63 1.76
C HIS B 58 3.58 10.39 0.46
N GLY B 59 4.23 9.71 -0.49
CA GLY B 59 4.66 10.29 -1.74
C GLY B 59 3.62 10.19 -2.85
N PHE B 60 4.06 10.59 -4.05
CA PHE B 60 3.17 10.76 -5.19
C PHE B 60 2.67 9.41 -5.70
N GLY B 61 1.35 9.25 -5.76
CA GLY B 61 0.79 7.98 -6.18
C GLY B 61 1.08 6.83 -5.26
N ALA B 62 1.53 7.10 -4.04
CA ALA B 62 1.81 6.09 -3.05
C ALA B 62 0.61 5.94 -2.12
N VAL B 63 0.77 5.13 -1.08
CA VAL B 63 -0.28 4.92 -0.08
C VAL B 63 0.32 5.07 1.31
N ARG B 64 -0.57 5.04 2.31
CA ARG B 64 -0.16 5.44 3.67
C ARG B 64 0.77 4.44 4.33
N ASP B 65 0.88 3.21 3.81
CA ASP B 65 1.90 2.28 4.27
C ASP B 65 3.28 2.69 3.81
N GLU B 66 3.35 3.47 2.73
CA GLU B 66 4.56 3.70 1.92
C GLU B 66 5.12 2.37 1.40
N GLY B 67 6.27 2.42 0.73
CA GLY B 67 6.77 1.24 0.05
C GLY B 67 7.35 0.22 1.01
N PHE B 68 6.96 -1.04 0.82
CA PHE B 68 7.58 -2.16 1.55
C PHE B 68 7.62 -1.93 3.05
N ARG B 69 6.46 -1.54 3.60
CA ARG B 69 6.21 -1.39 5.03
C ARG B 69 6.94 -0.22 5.68
N LEU B 70 7.50 0.71 4.89
CA LEU B 70 8.34 1.77 5.43
C LEU B 70 7.64 2.60 6.52
N PHE B 71 6.47 3.17 6.20
CA PHE B 71 5.78 3.99 7.21
C PHE B 71 5.19 3.14 8.32
N ILE B 72 4.86 1.88 8.04
CA ILE B 72 4.38 0.98 9.09
C ILE B 72 5.48 0.76 10.12
N GLN B 73 6.69 0.46 9.66
CA GLN B 73 7.80 0.24 10.59
C GLN B 73 8.11 1.51 11.36
N MET B 74 8.09 2.66 10.70
CA MET B 74 8.36 3.91 11.42
C MET B 74 7.27 4.18 12.46
N SER B 75 6.01 3.90 12.11
CA SER B 75 4.90 4.11 13.03
C SER B 75 5.03 3.23 14.26
N ASN B 76 5.38 1.96 14.08
CA ASN B 76 5.52 1.08 15.24
C ASN B 76 6.73 1.46 16.09
N ARG B 77 7.81 1.90 15.45
CA ARG B 77 8.97 2.36 16.20
CA ARG B 77 8.98 2.36 16.21
C ARG B 77 8.60 3.54 17.10
N LEU B 78 7.88 4.50 16.55
CA LEU B 78 7.43 5.65 17.34
C LEU B 78 6.51 5.19 18.47
N MET B 79 5.54 4.34 18.14
CA MET B 79 4.55 3.89 19.12
C MET B 79 5.21 3.19 20.31
N GLU B 80 6.21 2.34 20.03
CA GLU B 80 6.90 1.62 21.09
C GLU B 80 7.71 2.56 21.99
N ASN B 81 7.95 3.78 21.53
CA ASN B 81 8.74 4.77 22.28
C ASN B 81 7.88 5.91 22.82
N GLY B 82 6.56 5.74 22.86
CA GLY B 82 5.70 6.72 23.48
C GLY B 82 5.27 7.87 22.59
N ILE B 83 5.47 7.76 21.29
CA ILE B 83 5.04 8.79 20.33
C ILE B 83 3.96 8.18 19.46
N ALA B 84 2.79 8.81 19.42
CA ALA B 84 1.73 8.34 18.55
C ALA B 84 2.07 8.66 17.09
N ALA B 85 1.64 7.79 16.19
CA ALA B 85 1.93 7.95 14.77
C ALA B 85 0.62 7.85 14.01
N VAL B 86 0.36 8.82 13.13
CA VAL B 86 -0.86 8.86 12.33
C VAL B 86 -0.47 9.07 10.87
N ARG B 87 -1.16 8.37 9.97
CA ARG B 87 -0.85 8.46 8.55
C ARG B 87 -2.12 8.21 7.75
N PHE B 88 -2.46 9.14 6.86
CA PHE B 88 -3.64 9.03 6.02
C PHE B 88 -3.23 8.83 4.56
N ASP B 89 -4.11 8.18 3.80
CA ASP B 89 -4.07 8.29 2.35
C ASP B 89 -4.56 9.68 1.95
N PHE B 90 -3.76 10.41 1.18
CA PHE B 90 -4.24 11.68 0.67
C PHE B 90 -5.45 11.43 -0.23
N GLY B 91 -6.25 12.48 -0.43
CA GLY B 91 -7.30 12.39 -1.43
C GLY B 91 -6.78 11.89 -2.76
N CYS B 92 -7.58 11.07 -3.45
CA CYS B 92 -7.23 10.45 -4.72
C CYS B 92 -6.09 9.46 -4.62
N HIS B 93 -5.72 9.04 -3.41
CA HIS B 93 -4.69 8.03 -3.20
C HIS B 93 -5.23 6.92 -2.31
N GLY B 94 -4.70 5.72 -2.51
CA GLY B 94 -5.01 4.65 -1.58
C GLY B 94 -6.49 4.45 -1.40
N GLU B 95 -6.89 4.28 -0.14
CA GLU B 95 -8.28 3.97 0.20
C GLU B 95 -9.13 5.20 0.39
N SER B 96 -8.55 6.40 0.27
CA SER B 96 -9.33 7.62 0.40
C SER B 96 -10.18 7.83 -0.84
N ASP B 97 -11.22 8.65 -0.68
CA ASP B 97 -12.07 9.00 -1.82
C ASP B 97 -11.27 9.83 -2.83
N GLY B 98 -11.79 9.89 -4.04
CA GLY B 98 -11.22 10.74 -5.07
C GLY B 98 -10.57 9.93 -6.17
N GLU B 99 -10.73 10.40 -7.42
CA GLU B 99 -10.09 9.80 -8.58
C GLU B 99 -8.75 10.47 -8.87
N PHE B 100 -7.75 9.67 -9.22
CA PHE B 100 -6.45 10.24 -9.55
C PHE B 100 -6.55 11.25 -10.68
N GLU B 101 -7.50 11.06 -11.61
CA GLU B 101 -7.66 12.01 -12.71
C GLU B 101 -7.98 13.42 -12.21
N ASP B 102 -8.55 13.54 -11.01
CA ASP B 102 -8.91 14.83 -10.44
C ASP B 102 -7.85 15.38 -9.48
N PHE B 103 -6.76 14.65 -9.28
CA PHE B 103 -5.78 15.04 -8.27
C PHE B 103 -5.05 16.32 -8.67
N THR B 104 -4.82 17.20 -7.69
CA THR B 104 -3.94 18.34 -7.84
C THR B 104 -3.10 18.49 -6.58
N PHE B 105 -1.87 18.99 -6.76
CA PHE B 105 -1.02 19.21 -5.60
C PHE B 105 -1.58 20.28 -4.67
N SER B 106 -2.26 21.30 -5.23
CA SER B 106 -2.91 22.28 -4.35
C SER B 106 -3.89 21.61 -3.39
N GLN B 107 -4.65 20.62 -3.86
CA GLN B 107 -5.58 19.98 -2.92
C GLN B 107 -4.86 19.11 -1.92
N GLU B 108 -3.74 18.49 -2.32
CA GLU B 108 -2.90 17.80 -1.34
C GLU B 108 -2.44 18.75 -0.25
N LEU B 109 -2.06 19.97 -0.63
CA LEU B 109 -1.62 20.95 0.37
C LEU B 109 -2.77 21.37 1.27
N ASN B 110 -3.96 21.56 0.69
CA ASN B 110 -5.12 21.89 1.52
C ASN B 110 -5.44 20.75 2.48
N GLU B 111 -5.35 19.50 2.01
CA GLU B 111 -5.60 18.37 2.88
C GLU B 111 -4.54 18.25 3.97
N GLY B 112 -3.27 18.49 3.62
CA GLY B 112 -2.22 18.38 4.62
C GLY B 112 -2.42 19.36 5.76
N SER B 113 -2.80 20.59 5.43
CA SER B 113 -3.12 21.57 6.46
C SER B 113 -4.35 21.14 7.27
N ALA B 114 -5.40 20.69 6.59
CA ALA B 114 -6.60 20.26 7.32
C ALA B 114 -6.34 19.05 8.20
N LEU B 115 -5.42 18.17 7.78
CA LEU B 115 -5.10 16.99 8.61
C LEU B 115 -4.43 17.37 9.92
N ILE B 116 -3.75 18.52 10.00
CA ILE B 116 -3.23 18.97 11.28
C ILE B 116 -4.36 19.09 12.29
N ASP B 117 -5.46 19.74 11.89
CA ASP B 117 -6.57 19.94 12.81
C ASP B 117 -7.34 18.65 13.05
N ALA B 118 -7.49 17.81 12.01
CA ALA B 118 -8.16 16.53 12.20
C ALA B 118 -7.42 15.66 13.21
N VAL B 119 -6.09 15.62 13.12
CA VAL B 119 -5.30 14.80 14.02
C VAL B 119 -5.23 15.41 15.41
N LYS B 120 -5.02 16.73 15.50
CA LYS B 120 -4.99 17.38 16.81
C LYS B 120 -6.32 17.30 17.53
N SER B 121 -7.42 17.05 16.81
CA SER B 121 -8.71 16.84 17.44
C SER B 121 -8.86 15.46 18.06
N MET B 122 -7.99 14.52 17.71
CA MET B 122 -8.12 13.15 18.19
C MET B 122 -7.78 13.06 19.68
N SER B 123 -8.43 12.10 20.35
CA SER B 123 -8.40 12.05 21.81
C SER B 123 -7.00 11.84 22.38
N PHE B 124 -6.13 11.15 21.64
CA PHE B 124 -4.84 10.73 22.17
C PHE B 124 -3.70 11.64 21.75
N VAL B 125 -3.98 12.77 21.11
CA VAL B 125 -2.97 13.62 20.49
C VAL B 125 -2.75 14.87 21.35
N ASP B 126 -1.50 15.13 21.70
CA ASP B 126 -1.12 16.37 22.38
C ASP B 126 -0.98 17.47 21.33
N SER B 127 -1.90 18.45 21.35
CA SER B 127 -1.86 19.53 20.38
C SER B 127 -0.57 20.34 20.43
N THR B 128 0.15 20.31 21.56
CA THR B 128 1.36 21.12 21.74
C THR B 128 2.65 20.36 21.45
N LYS B 129 2.58 19.07 21.10
CA LYS B 129 3.77 18.27 20.80
C LYS B 129 3.45 17.44 19.55
N PHE B 130 3.51 18.11 18.39
CA PHE B 130 3.01 17.56 17.14
C PHE B 130 3.98 17.92 16.02
N SER B 131 4.38 16.92 15.22
CA SER B 131 5.36 17.11 14.17
C SER B 131 4.92 16.42 12.88
N LEU B 132 5.54 16.79 11.77
CA LEU B 132 5.29 16.17 10.48
C LEU B 132 6.52 15.38 10.03
N LEU B 133 6.24 14.26 9.34
CA LEU B 133 7.25 13.47 8.65
C LEU B 133 6.77 13.28 7.22
N GLY B 134 7.67 13.44 6.24
CA GLY B 134 7.32 13.18 4.86
C GLY B 134 8.28 12.21 4.20
N GLU B 135 7.79 11.59 3.12
CA GLU B 135 8.62 10.84 2.18
C GLU B 135 8.36 11.39 0.78
N ALA B 136 9.42 11.77 0.07
CA ALA B 136 9.33 12.08 -1.37
C ALA B 136 8.43 13.30 -1.57
N LEU B 137 7.40 13.23 -2.40
CA LEU B 137 6.53 14.39 -2.57
C LEU B 137 5.81 14.74 -1.26
N GLY B 138 5.60 13.76 -0.38
CA GLY B 138 5.04 14.05 0.92
C GLY B 138 5.93 14.95 1.77
N SER B 139 7.24 14.87 1.57
CA SER B 139 8.15 15.80 2.23
C SER B 139 7.97 17.21 1.68
N VAL B 140 7.76 17.32 0.36
CA VAL B 140 7.52 18.64 -0.22
C VAL B 140 6.24 19.25 0.36
N ALA B 141 5.17 18.45 0.40
CA ALA B 141 3.93 18.91 1.00
C ALA B 141 4.14 19.31 2.46
N ALA B 142 4.87 18.48 3.22
CA ALA B 142 5.11 18.80 4.63
C ALA B 142 5.87 20.11 4.77
N SER B 143 6.83 20.36 3.88
CA SER B 143 7.60 21.60 3.98
C SER B 143 6.74 22.82 3.73
N ILE B 144 5.78 22.71 2.81
CA ILE B 144 4.91 23.85 2.48
C ILE B 144 3.87 24.06 3.57
N VAL B 145 3.25 22.98 4.03
CA VAL B 145 2.29 23.07 5.13
C VAL B 145 2.96 23.60 6.38
N ALA B 146 4.20 23.18 6.65
CA ALA B 146 4.92 23.67 7.82
C ALA B 146 5.12 25.16 7.75
N GLY B 147 5.41 25.70 6.56
CA GLY B 147 5.59 27.14 6.44
C GLY B 147 4.28 27.89 6.63
N LYS B 148 3.16 27.31 6.18
CA LYS B 148 1.88 27.97 6.30
C LYS B 148 1.26 27.82 7.69
N ARG B 149 1.60 26.75 8.40
CA ARG B 149 1.06 26.49 9.73
C ARG B 149 2.22 26.36 10.73
N SER B 150 3.17 27.30 10.67
CA SER B 150 4.43 27.12 11.40
C SER B 150 4.23 26.97 12.90
N THR B 151 3.25 27.68 13.47
CA THR B 151 3.04 27.60 14.91
C THR B 151 2.36 26.31 15.34
N GLU B 152 2.05 25.40 14.41
CA GLU B 152 1.44 24.13 14.78
C GLU B 152 2.46 23.03 15.03
N LEU B 153 3.69 23.20 14.55
CA LEU B 153 4.64 22.09 14.47
C LEU B 153 5.77 22.26 15.47
N THR B 154 6.05 21.19 16.20
CA THR B 154 7.22 21.14 17.06
C THR B 154 8.48 20.87 16.25
N SER B 155 8.38 20.02 15.24
CA SER B 155 9.53 19.75 14.38
C SER B 155 9.04 19.18 13.05
N LEU B 156 9.96 19.08 12.09
CA LEU B 156 9.67 18.63 10.74
C LEU B 156 10.80 17.70 10.31
N CYS B 157 10.45 16.52 9.80
CA CYS B 157 11.43 15.61 9.25
C CYS B 157 11.03 15.27 7.82
N MET B 158 11.99 15.39 6.89
CA MET B 158 11.76 15.16 5.46
C MET B 158 12.72 14.10 4.96
N TRP B 159 12.17 12.99 4.47
CA TRP B 159 12.96 11.97 3.81
C TRP B 159 12.88 12.16 2.30
N SER B 160 14.04 12.02 1.62
CA SER B 160 14.08 11.96 0.16
C SER B 160 13.17 12.98 -0.51
N PRO B 161 13.25 14.27 -0.16
CA PRO B 161 12.24 15.21 -0.68
C PRO B 161 12.27 15.31 -2.20
N ALA B 162 11.08 15.23 -2.80
CA ALA B 162 10.94 15.29 -4.27
C ALA B 162 10.78 16.74 -4.75
N ALA B 163 11.63 17.62 -4.24
CA ALA B 163 11.48 19.05 -4.50
C ALA B 163 11.89 19.44 -5.91
N SER B 164 12.38 18.50 -6.71
CA SER B 164 12.67 18.73 -8.11
C SER B 164 11.45 18.60 -9.02
N PHE B 165 10.27 18.26 -8.47
CA PHE B 165 9.18 17.85 -9.35
C PHE B 165 8.65 18.97 -10.23
N LEU B 166 8.68 20.22 -9.74
CA LEU B 166 8.28 21.34 -10.58
C LEU B 166 9.29 21.56 -11.70
N ASP B 167 10.58 21.59 -11.36
CA ASP B 167 11.61 21.74 -12.39
C ASP B 167 11.53 20.62 -13.43
N GLU B 168 11.35 19.38 -12.97
CA GLU B 168 11.36 18.27 -13.92
C GLU B 168 10.20 18.38 -14.90
N ILE B 169 8.99 18.62 -14.39
CA ILE B 169 7.82 18.65 -15.25
C ILE B 169 7.84 19.89 -16.13
N LEU B 170 8.12 21.05 -15.54
CA LEU B 170 7.97 22.31 -16.25
C LEU B 170 9.14 22.62 -17.17
N ASN B 171 10.36 22.23 -16.78
CA ASN B 171 11.54 22.48 -17.60
C ASN B 171 11.96 21.28 -18.44
N ASP B 172 11.96 20.08 -17.88
CA ASP B 172 12.40 18.90 -18.61
C ASP B 172 11.26 18.14 -19.27
N HIS B 173 10.01 18.51 -18.98
CA HIS B 173 8.83 17.92 -19.61
C HIS B 173 8.71 16.42 -19.35
N THR B 174 9.17 15.97 -18.18
CA THR B 174 8.99 14.59 -17.76
C THR B 174 8.50 14.54 -16.32
N LEU B 175 7.78 13.46 -16.01
CA LEU B 175 7.36 13.16 -14.64
C LEU B 175 7.98 11.81 -14.30
N GLN B 176 8.92 11.80 -13.36
CA GLN B 176 9.71 10.60 -13.06
C GLN B 176 10.26 9.97 -14.33
N GLY B 177 10.76 10.81 -15.24
CA GLY B 177 11.43 10.36 -16.43
C GLY B 177 10.54 10.08 -17.62
N LYS B 178 9.23 10.12 -17.46
CA LYS B 178 8.28 9.84 -18.55
C LYS B 178 7.73 11.14 -19.10
N THR B 179 7.63 11.23 -20.43
CA THR B 179 7.23 12.48 -21.05
C THR B 179 5.81 12.89 -20.65
N VAL B 180 5.62 14.19 -20.45
CA VAL B 180 4.30 14.76 -20.20
C VAL B 180 3.72 15.42 -21.44
N ASP B 181 4.41 15.33 -22.58
CA ASP B 181 4.03 16.09 -23.77
C ASP B 181 2.86 15.49 -24.53
N ASN B 182 2.42 14.29 -24.18
CA ASN B 182 1.30 13.64 -24.84
C ASN B 182 0.01 13.74 -24.05
N VAL B 183 -0.04 14.57 -23.00
CA VAL B 183 -1.24 14.67 -22.18
C VAL B 183 -2.41 15.21 -23.01
N GLU B 184 -2.15 16.19 -23.87
CA GLU B 184 -3.21 16.72 -24.73
C GLU B 184 -3.68 15.67 -25.75
N LYS B 185 -2.74 14.96 -26.36
CA LYS B 185 -3.11 13.92 -27.32
C LYS B 185 -3.88 12.80 -26.66
N ASP B 186 -3.42 12.34 -25.49
CA ASP B 186 -4.04 11.18 -24.85
C ASP B 186 -5.23 11.56 -23.99
N GLY B 187 -5.27 12.78 -23.47
CA GLY B 187 -6.29 13.19 -22.52
C GLY B 187 -5.92 12.97 -21.07
N TYR B 188 -4.75 12.37 -20.81
CA TYR B 188 -4.31 12.06 -19.45
C TYR B 188 -2.83 11.73 -19.52
N PHE B 189 -2.22 11.58 -18.34
CA PHE B 189 -0.90 11.01 -18.18
C PHE B 189 -1.06 9.67 -17.48
N ASP B 190 -0.40 8.64 -18.00
CA ASP B 190 -0.52 7.28 -17.48
C ASP B 190 0.54 7.08 -16.39
N PHE B 191 0.11 7.00 -15.13
CA PHE B 191 1.02 6.74 -14.02
C PHE B 191 0.72 5.34 -13.49
N TYR B 192 1.44 4.35 -14.02
CA TYR B 192 1.36 2.97 -13.55
C TYR B 192 -0.08 2.45 -13.55
N GLY B 193 -0.85 2.85 -14.57
CA GLY B 193 -2.22 2.40 -14.72
C GLY B 193 -3.26 3.32 -14.12
N LEU B 194 -2.83 4.38 -13.43
CA LEU B 194 -3.73 5.42 -12.95
C LEU B 194 -3.74 6.56 -13.95
N LYS B 195 -4.93 7.13 -14.18
CA LYS B 195 -5.11 8.27 -15.05
C LYS B 195 -4.85 9.53 -14.23
N LEU B 196 -3.80 10.26 -14.56
CA LEU B 196 -3.53 11.57 -13.98
C LEU B 196 -4.03 12.62 -14.97
N GLY B 197 -4.80 13.60 -14.48
CA GLY B 197 -5.52 14.48 -15.35
C GLY B 197 -4.80 15.77 -15.71
N LYS B 198 -5.40 16.51 -16.64
CA LYS B 198 -4.85 17.81 -17.01
C LYS B 198 -4.88 18.78 -15.83
N ALA B 199 -5.84 18.61 -14.92
CA ALA B 199 -5.95 19.54 -13.79
C ALA B 199 -4.67 19.56 -12.97
N PHE B 200 -4.03 18.41 -12.79
CA PHE B 200 -2.77 18.36 -12.06
C PHE B 200 -1.73 19.28 -12.72
N PHE B 201 -1.61 19.18 -14.04
CA PHE B 201 -0.56 19.93 -14.75
C PHE B 201 -0.89 21.41 -14.79
N ASP B 202 -2.17 21.76 -14.96
CA ASP B 202 -2.57 23.17 -14.96
C ASP B 202 -2.35 23.82 -13.61
N ASP B 203 -2.41 23.04 -12.53
CA ASP B 203 -2.26 23.57 -11.18
C ASP B 203 -0.80 23.80 -10.78
N LEU B 204 0.16 23.25 -11.53
CA LEU B 204 1.57 23.35 -11.14
C LEU B 204 2.03 24.80 -11.05
N LYS B 205 1.49 25.68 -11.88
CA LYS B 205 1.88 27.09 -11.83
C LYS B 205 1.56 27.75 -10.50
N ASN B 206 0.65 27.17 -9.71
CA ASN B 206 0.26 27.73 -8.43
C ASN B 206 1.17 27.35 -7.29
N ILE B 207 2.14 26.46 -7.50
CA ILE B 207 2.91 25.87 -6.42
C ILE B 207 4.21 26.63 -6.22
N ASN B 208 4.49 26.98 -4.97
CA ASN B 208 5.79 27.51 -4.57
C ASN B 208 6.29 26.65 -3.41
N ILE B 209 7.49 26.09 -3.58
CA ILE B 209 8.08 25.24 -2.56
C ILE B 209 8.90 26.05 -1.58
N PHE B 210 9.96 26.71 -2.09
CA PHE B 210 11.02 27.16 -1.19
C PHE B 210 10.71 28.45 -0.46
N ASP B 211 9.96 29.36 -1.08
CA ASP B 211 9.57 30.57 -0.35
C ASP B 211 8.58 30.24 0.76
N ASN B 212 7.67 29.29 0.51
CA ASN B 212 6.79 28.84 1.58
C ASN B 212 7.58 28.09 2.66
N ALA B 213 8.51 27.21 2.25
CA ALA B 213 9.19 26.35 3.22
C ALA B 213 10.01 27.16 4.22
N LYS B 214 10.64 28.25 3.76
CA LYS B 214 11.53 28.99 4.66
C LYS B 214 10.77 29.73 5.75
N LYS B 215 9.44 29.75 5.70
CA LYS B 215 8.65 30.36 6.77
C LYS B 215 8.68 29.53 8.06
N TYR B 216 8.97 28.23 7.98
CA TYR B 216 9.06 27.40 9.19
C TYR B 216 10.47 27.50 9.73
N GLN B 217 10.62 27.93 10.99
CA GLN B 217 11.96 28.04 11.53
CA GLN B 217 11.89 28.17 11.63
C GLN B 217 12.17 27.20 12.78
N GLY B 218 11.34 26.17 12.99
CA GLY B 218 11.61 25.20 14.00
C GLY B 218 12.63 24.19 13.53
N PRO B 219 12.88 23.18 14.38
CA PRO B 219 13.86 22.15 14.03
C PRO B 219 13.42 21.36 12.80
N VAL B 220 14.32 21.23 11.83
CA VAL B 220 14.08 20.48 10.60
C VAL B 220 15.21 19.48 10.42
N LYS B 221 14.88 18.24 10.10
CA LYS B 221 15.86 17.25 9.70
C LYS B 221 15.51 16.75 8.30
N ILE B 222 16.51 16.72 7.43
CA ILE B 222 16.37 16.18 6.08
C ILE B 222 17.31 14.99 5.98
N VAL B 223 16.81 13.86 5.48
CA VAL B 223 17.63 12.68 5.28
C VAL B 223 17.60 12.34 3.80
N TYR B 224 18.78 12.30 3.19
CA TYR B 224 18.95 12.12 1.75
C TYR B 224 19.89 10.95 1.53
N GLY B 225 19.51 10.02 0.67
CA GLY B 225 20.33 8.86 0.34
C GLY B 225 21.06 9.11 -0.98
N THR B 226 22.35 8.73 -1.01
CA THR B 226 23.16 9.08 -2.19
C THR B 226 22.69 8.39 -3.46
N ASN B 227 21.91 7.32 -3.36
CA ASN B 227 21.38 6.66 -4.55
C ASN B 227 19.98 7.15 -4.93
N ASP B 228 19.46 8.16 -4.24
CA ASP B 228 18.20 8.78 -4.64
C ASP B 228 18.33 9.32 -6.06
N PHE B 229 17.27 9.17 -6.86
CA PHE B 229 17.25 9.78 -8.18
C PHE B 229 16.96 11.28 -8.14
N ILE B 230 16.43 11.79 -7.03
CA ILE B 230 16.32 13.25 -6.87
C ILE B 230 17.71 13.83 -6.66
N PRO B 231 18.09 14.89 -7.38
CA PRO B 231 19.41 15.50 -7.14
C PRO B 231 19.59 16.02 -5.73
N GLU B 232 20.79 15.81 -5.20
CA GLU B 232 21.12 16.25 -3.84
C GLU B 232 20.97 17.76 -3.68
N LYS B 233 21.09 18.53 -4.77
CA LYS B 233 21.08 19.98 -4.65
C LYS B 233 19.78 20.51 -4.06
N TYR B 234 18.67 19.77 -4.23
CA TYR B 234 17.40 20.25 -3.71
C TYR B 234 17.34 20.19 -2.19
N SER B 235 18.04 19.22 -1.59
CA SER B 235 18.14 19.19 -0.13
C SER B 235 18.99 20.36 0.37
N HIS B 236 20.05 20.70 -0.35
CA HIS B 236 20.86 21.85 0.05
C HIS B 236 20.09 23.15 -0.11
N LYS B 237 19.24 23.25 -1.14
CA LYS B 237 18.43 24.46 -1.31
C LYS B 237 17.49 24.65 -0.12
N TYR B 238 16.88 23.57 0.36
CA TYR B 238 16.09 23.66 1.59
C TYR B 238 16.94 24.16 2.75
N MET B 239 18.14 23.59 2.91
CA MET B 239 18.99 23.98 4.03
C MET B 239 19.36 25.45 3.96
N ASP B 240 19.54 25.99 2.75
CA ASP B 240 19.85 27.41 2.60
C ASP B 240 18.79 28.29 3.23
N GLY B 241 17.54 27.81 3.29
CA GLY B 241 16.45 28.60 3.82
C GLY B 241 16.03 28.30 5.25
N TYR B 242 16.60 27.26 5.86
CA TYR B 242 16.23 26.86 7.21
C TYR B 242 17.23 27.41 8.23
N GLU B 243 16.71 28.07 9.27
CA GLU B 243 17.58 28.56 10.33
C GLU B 243 18.04 27.45 11.26
N ASN B 244 17.26 26.38 11.39
CA ASN B 244 17.57 25.29 12.32
CA ASN B 244 17.55 25.30 12.33
C ASN B 244 17.46 23.95 11.62
N GLY B 245 18.16 23.82 10.51
CA GLY B 245 18.14 22.59 9.73
C GLY B 245 19.31 21.67 10.03
N GLU B 246 19.09 20.38 9.81
CA GLU B 246 20.13 19.37 9.88
C GLU B 246 19.96 18.47 8.66
N LEU B 247 21.03 18.27 7.90
CA LEU B 247 21.01 17.41 6.72
C LEU B 247 21.89 16.20 6.97
N VAL B 248 21.30 15.01 6.88
CA VAL B 248 22.05 13.76 6.98
C VAL B 248 22.10 13.14 5.60
N ILE B 249 23.30 12.88 5.11
CA ILE B 249 23.50 12.21 3.83
CA ILE B 249 23.52 12.21 3.82
C ILE B 249 23.86 10.76 4.13
N VAL B 250 22.99 9.84 3.72
CA VAL B 250 23.19 8.41 3.98
C VAL B 250 23.87 7.80 2.77
N GLN B 251 25.13 7.37 2.95
CA GLN B 251 25.85 6.74 1.86
C GLN B 251 25.12 5.47 1.43
N ASP B 252 24.71 5.45 0.16
CA ASP B 252 24.03 4.33 -0.47
C ASP B 252 22.62 4.08 0.03
N GLY B 253 22.03 5.03 0.74
CA GLY B 253 20.59 5.04 0.87
C GLY B 253 19.95 5.37 -0.46
N ASP B 254 18.68 4.99 -0.61
CA ASP B 254 17.98 5.25 -1.86
C ASP B 254 16.64 5.91 -1.56
N HIS B 255 15.91 6.22 -2.63
CA HIS B 255 14.70 7.03 -2.54
C HIS B 255 13.74 6.52 -1.48
N GLY B 256 13.48 5.21 -1.50
CA GLY B 256 12.54 4.59 -0.59
C GLY B 256 13.13 3.78 0.53
N TRP B 257 14.44 3.87 0.79
CA TRP B 257 15.07 3.15 1.90
C TRP B 257 14.83 1.65 1.74
N GLN B 258 15.16 1.18 0.55
CA GLN B 258 14.82 -0.17 0.09
C GLN B 258 16.03 -1.10 0.05
N SER B 259 16.90 -0.96 1.05
CA SER B 259 17.89 -1.96 1.40
C SER B 259 17.82 -2.17 2.90
N VAL B 260 18.16 -3.38 3.34
CA VAL B 260 18.14 -3.67 4.78
C VAL B 260 19.01 -2.69 5.57
N PRO B 261 20.25 -2.38 5.16
CA PRO B 261 21.03 -1.40 5.94
C PRO B 261 20.42 -0.01 5.95
N SER B 262 19.91 0.46 4.82
CA SER B 262 19.37 1.82 4.80
C SER B 262 18.00 1.92 5.46
N ARG B 263 17.25 0.81 5.50
CA ARG B 263 16.00 0.81 6.26
C ARG B 263 16.29 0.97 7.75
N LYS B 264 17.26 0.21 8.28
CA LYS B 264 17.64 0.41 9.67
C LYS B 264 18.11 1.83 9.91
N ARG B 265 18.91 2.37 8.98
CA ARG B 265 19.45 3.72 9.14
C ARG B 265 18.33 4.76 9.21
N ILE B 266 17.35 4.67 8.30
CA ILE B 266 16.31 5.71 8.24
C ILE B 266 15.44 5.67 9.48
N LEU B 267 15.10 4.47 9.96
CA LEU B 267 14.30 4.33 11.17
C LEU B 267 15.06 4.87 12.38
N ASP B 268 16.34 4.52 12.50
CA ASP B 268 17.14 4.98 13.63
C ASP B 268 17.35 6.48 13.61
N GLU B 269 17.69 7.05 12.45
CA GLU B 269 17.92 8.49 12.38
C GLU B 269 16.65 9.26 12.71
N THR B 270 15.51 8.73 12.31
CA THR B 270 14.25 9.44 12.51
C THR B 270 13.76 9.32 13.94
N MET B 271 13.88 8.14 14.54
CA MET B 271 13.56 7.98 15.96
C MET B 271 14.42 8.90 16.80
N LYS B 272 15.71 9.00 16.46
CA LYS B 272 16.62 9.88 17.19
C LYS B 272 16.12 11.33 17.15
N PHE B 273 15.71 11.79 15.96
CA PHE B 273 15.26 13.18 15.80
C PHE B 273 13.96 13.43 16.57
N PHE B 274 13.01 12.49 16.51
CA PHE B 274 11.75 12.71 17.20
C PHE B 274 11.87 12.50 18.71
N ARG B 275 12.79 11.64 19.16
CA ARG B 275 13.08 11.59 20.58
C ARG B 275 13.60 12.94 21.07
N LYS B 276 14.54 13.53 20.34
CA LYS B 276 15.13 14.79 20.74
C LYS B 276 14.07 15.90 20.77
N THR B 277 13.24 15.97 19.73
CA THR B 277 12.34 17.11 19.57
C THR B 277 10.98 16.93 20.26
N LEU B 278 10.52 15.70 20.46
CA LEU B 278 9.21 15.47 21.06
C LEU B 278 9.24 14.85 22.45
N LEU B 279 10.35 14.23 22.86
CA LEU B 279 10.42 13.57 24.15
C LEU B 279 11.39 14.23 25.12
N GLU B 280 12.45 14.85 24.62
CA GLU B 280 13.50 15.41 25.49
C GLU B 280 13.21 16.87 25.83
CA CA C . -1.99 -8.20 17.73
CA CA D . -25.02 3.96 -3.57
C ACT E . 7.16 -14.14 -6.10
O ACT E . 8.23 -13.91 -6.73
OXT ACT E . 5.97 -13.75 -6.36
CH3 ACT E . 7.35 -15.02 -4.83
CA CA F . -17.16 9.44 1.34
CA CA G . 3.27 -2.32 25.31
C ACT H . 7.18 13.02 -7.99
O ACT H . 7.82 12.77 -9.05
OXT ACT H . 7.35 12.56 -6.82
CH3 ACT H . 6.02 14.06 -8.15
C ACT I . -9.69 9.41 18.44
O ACT I . -9.16 8.58 19.24
OXT ACT I . -10.21 10.54 18.72
CH3 ACT I . -9.73 8.96 16.94
CA CA J . -13.82 18.11 8.20
#